data_3LFR
#
_entry.id   3LFR
#
_cell.length_a   47.150
_cell.length_b   50.650
_cell.length_c   51.867
_cell.angle_alpha   90.000
_cell.angle_beta   112.260
_cell.angle_gamma   90.000
#
_symmetry.space_group_name_H-M   'P 1 21 1'
#
loop_
_entity.id
_entity.type
_entity.pdbx_description
1 polymer 'putative Metal ion transporter'
2 non-polymer 'ADENOSINE MONOPHOSPHATE'
3 water water
#
_entity_poly.entity_id   1
_entity_poly.type   'polypeptide(L)'
_entity_poly.pdbx_seq_one_letter_code
;ADLQVRDI(MSE)VPRSQ(MSE)ISIKATQTPREFLPAVIDAAHSRYPVIGESHDDVLGVLLAKDLLPLILKADGDSDDV
KKLLRPATFVPESKRLNVLLREFRANHNH(MSE)AIVIDEYGGVAGLVTIEDVLEQIVGDIEDEHDVE
;
_entity_poly.pdbx_strand_id   A,B
#
# COMPACT_ATOMS: atom_id res chain seq x y z
N LEU A 3 -23.03 -11.06 0.91
CA LEU A 3 -22.65 -10.26 -0.28
C LEU A 3 -21.59 -10.97 -1.10
N GLN A 4 -21.57 -10.65 -2.39
CA GLN A 4 -20.58 -11.18 -3.29
C GLN A 4 -19.70 -10.08 -3.83
N VAL A 5 -18.52 -10.45 -4.33
CA VAL A 5 -17.56 -9.51 -4.89
CA VAL A 5 -17.58 -9.46 -4.84
C VAL A 5 -18.19 -8.57 -5.93
N ARG A 6 -19.03 -9.12 -6.80
CA ARG A 6 -19.67 -8.35 -7.90
C ARG A 6 -20.46 -7.14 -7.40
N ASP A 7 -20.89 -7.23 -6.15
CA ASP A 7 -21.72 -6.21 -5.51
C ASP A 7 -20.95 -4.96 -5.09
N ILE A 8 -19.66 -5.14 -4.82
CA ILE A 8 -18.84 -4.09 -4.18
C ILE A 8 -17.59 -3.76 -4.97
N VAL A 10 -14.98 -2.37 -7.86
CA VAL A 10 -14.74 -1.29 -8.79
C VAL A 10 -14.96 -1.92 -10.17
N PRO A 11 -16.00 -1.48 -10.89
CA PRO A 11 -16.26 -2.07 -12.21
C PRO A 11 -15.14 -1.83 -13.21
N ARG A 12 -15.02 -2.75 -14.16
CA ARG A 12 -14.02 -2.70 -15.22
C ARG A 12 -13.78 -1.29 -15.83
N SER A 13 -14.84 -0.58 -16.21
CA SER A 13 -14.71 0.77 -16.80
C SER A 13 -14.04 1.81 -15.89
N GLN A 14 -14.10 1.58 -14.57
CA GLN A 14 -13.62 2.55 -13.59
C GLN A 14 -12.22 2.17 -13.09
N ILE A 16 -8.34 2.03 -13.01
CA ILE A 16 -7.16 2.69 -13.54
C ILE A 16 -6.10 1.64 -13.80
N SER A 17 -5.80 1.45 -15.07
CA SER A 17 -4.89 0.41 -15.52
CA SER A 17 -4.91 0.40 -15.54
C SER A 17 -3.70 0.99 -16.26
N ILE A 18 -2.66 0.19 -16.39
CA ILE A 18 -1.48 0.57 -17.14
C ILE A 18 -1.36 -0.38 -18.31
N LYS A 19 -1.19 0.17 -19.50
CA LYS A 19 -0.96 -0.67 -20.68
C LYS A 19 0.49 -1.19 -20.71
N ALA A 20 0.63 -2.51 -20.88
CA ALA A 20 1.94 -3.18 -20.80
C ALA A 20 2.96 -2.68 -21.83
N THR A 21 2.45 -2.07 -22.89
CA THR A 21 3.28 -1.51 -23.96
C THR A 21 3.86 -0.14 -23.66
N GLN A 22 3.41 0.48 -22.57
CA GLN A 22 3.86 1.82 -22.17
C GLN A 22 5.07 1.78 -21.28
N THR A 23 6.02 2.68 -21.53
CA THR A 23 7.14 2.90 -20.63
C THR A 23 6.73 3.84 -19.50
N PRO A 24 7.51 3.89 -18.42
CA PRO A 24 7.20 4.83 -17.33
C PRO A 24 7.08 6.26 -17.83
N ARG A 25 7.89 6.64 -18.82
CA ARG A 25 7.78 8.00 -19.34
C ARG A 25 6.34 8.29 -19.78
N GLU A 26 5.68 7.28 -20.32
CA GLU A 26 4.35 7.42 -20.88
C GLU A 26 3.26 7.23 -19.85
N PHE A 27 3.42 6.25 -18.95
CA PHE A 27 2.33 5.94 -18.01
C PHE A 27 2.39 6.70 -16.68
N LEU A 28 3.56 7.19 -16.31
CA LEU A 28 3.68 7.78 -14.99
C LEU A 28 2.80 9.00 -14.76
N PRO A 29 2.63 9.88 -15.78
CA PRO A 29 1.76 11.01 -15.47
C PRO A 29 0.36 10.61 -14.96
N ALA A 30 -0.28 9.63 -15.58
CA ALA A 30 -1.62 9.20 -15.15
C ALA A 30 -1.57 8.45 -13.82
N VAL A 31 -0.50 7.69 -13.61
CA VAL A 31 -0.30 6.95 -12.36
C VAL A 31 -0.12 7.90 -11.18
N ILE A 32 0.71 8.93 -11.39
CA ILE A 32 0.96 9.92 -10.36
C ILE A 32 -0.32 10.69 -10.04
N ASP A 33 -1.11 11.03 -11.07
CA ASP A 33 -2.41 11.67 -10.88
C ASP A 33 -3.42 10.82 -10.09
N ALA A 34 -3.50 9.53 -10.40
CA ALA A 34 -4.47 8.62 -9.80
C ALA A 34 -4.11 8.32 -8.35
N ALA A 35 -2.80 8.22 -8.09
CA ALA A 35 -2.26 8.05 -6.73
C ALA A 35 -2.72 6.78 -6.00
N HIS A 36 -3.02 5.74 -6.77
CA HIS A 36 -3.30 4.42 -6.20
C HIS A 36 -2.01 3.67 -5.86
N SER A 37 -2.10 2.68 -4.97
CA SER A 37 -0.93 1.90 -4.61
C SER A 37 -0.65 0.81 -5.66
N ARG A 38 -1.70 0.33 -6.32
CA ARG A 38 -1.63 -0.84 -7.20
C ARG A 38 -2.50 -0.64 -8.43
N TYR A 39 -2.03 -1.15 -9.57
CA TYR A 39 -2.70 -0.96 -10.85
C TYR A 39 -2.70 -2.26 -11.63
N PRO A 40 -3.87 -2.68 -12.14
CA PRO A 40 -3.84 -3.77 -13.12
C PRO A 40 -3.05 -3.35 -14.35
N VAL A 41 -2.31 -4.29 -14.90
CA VAL A 41 -1.54 -4.07 -16.11
C VAL A 41 -2.20 -4.89 -17.21
N ILE A 42 -2.54 -4.22 -18.31
CA ILE A 42 -3.32 -4.87 -19.36
C ILE A 42 -2.54 -5.03 -20.65
N GLY A 43 -2.97 -6.01 -21.44
CA GLY A 43 -2.35 -6.28 -22.74
C GLY A 43 -3.20 -5.64 -23.81
N GLU A 44 -3.96 -6.48 -24.52
CA GLU A 44 -4.79 -6.06 -25.65
C GLU A 44 -6.03 -5.25 -25.30
N SER A 45 -6.61 -5.53 -24.13
CA SER A 45 -7.86 -4.90 -23.69
C SER A 45 -7.95 -4.97 -22.18
N HIS A 46 -8.99 -4.34 -21.62
CA HIS A 46 -9.22 -4.43 -20.18
C HIS A 46 -9.55 -5.85 -19.71
N ASP A 47 -9.92 -6.72 -20.65
CA ASP A 47 -10.12 -8.12 -20.33
C ASP A 47 -8.80 -8.91 -20.28
N ASP A 48 -7.73 -8.33 -20.84
CA ASP A 48 -6.42 -8.99 -20.88
C ASP A 48 -5.51 -8.51 -19.73
N VAL A 49 -5.87 -8.89 -18.50
CA VAL A 49 -5.04 -8.51 -17.35
C VAL A 49 -3.82 -9.43 -17.15
N LEU A 50 -2.62 -8.86 -17.30
CA LEU A 50 -1.36 -9.62 -17.25
C LEU A 50 -0.82 -9.79 -15.83
N GLY A 51 -1.19 -8.88 -14.94
CA GLY A 51 -0.65 -8.89 -13.60
C GLY A 51 -0.97 -7.56 -12.97
N VAL A 52 -0.32 -7.26 -11.85
CA VAL A 52 -0.56 -6.01 -11.13
C VAL A 52 0.78 -5.31 -10.91
N LEU A 53 0.80 -3.99 -11.10
CA LEU A 53 1.97 -3.18 -10.80
C LEU A 53 1.76 -2.43 -9.49
N LEU A 54 2.69 -2.66 -8.57
CA LEU A 54 2.76 -1.93 -7.30
C LEU A 54 3.58 -0.68 -7.51
N ALA A 55 3.02 0.47 -7.14
CA ALA A 55 3.72 1.74 -7.25
C ALA A 55 5.12 1.68 -6.63
N LYS A 56 5.22 1.03 -5.47
CA LYS A 56 6.48 1.00 -4.74
C LYS A 56 7.55 0.20 -5.47
N ASP A 57 7.11 -0.66 -6.40
CA ASP A 57 8.06 -1.47 -7.13
C ASP A 57 8.75 -0.68 -8.24
N LEU A 58 8.30 0.55 -8.47
CA LEU A 58 8.92 1.44 -9.44
C LEU A 58 10.13 2.18 -8.85
N LEU A 59 10.31 2.13 -7.54
CA LEU A 59 11.37 2.89 -6.90
C LEU A 59 12.78 2.62 -7.45
N PRO A 60 13.12 1.35 -7.77
CA PRO A 60 14.44 1.12 -8.33
C PRO A 60 14.74 1.91 -9.59
N LEU A 61 13.71 2.34 -10.32
CA LEU A 61 13.92 3.07 -11.56
C LEU A 61 14.50 4.47 -11.35
N ILE A 62 14.37 5.00 -10.14
CA ILE A 62 14.85 6.35 -9.82
C ILE A 62 16.35 6.42 -9.99
N LEU A 63 17.05 5.39 -9.55
CA LEU A 63 18.52 5.41 -9.56
C LEU A 63 19.13 4.76 -10.81
N LYS A 64 18.30 4.45 -11.80
CA LYS A 64 18.79 3.91 -13.07
C LYS A 64 19.13 5.04 -14.03
N ALA A 65 19.93 4.72 -15.06
CA ALA A 65 20.28 5.69 -16.09
C ALA A 65 19.10 6.01 -17.00
N ASP A 66 18.32 4.97 -17.33
CA ASP A 66 17.30 5.02 -18.40
C ASP A 66 16.01 4.35 -17.89
N GLY A 67 15.72 4.52 -16.61
CA GLY A 67 14.55 3.87 -15.97
C GLY A 67 13.23 4.31 -16.59
N ASP A 68 13.19 5.54 -17.11
CA ASP A 68 11.97 5.99 -17.77
C ASP A 68 11.58 5.24 -19.05
N SER A 69 12.49 4.39 -19.56
CA SER A 69 12.24 3.57 -20.76
C SER A 69 12.07 2.07 -20.48
N ASP A 70 11.98 1.70 -19.21
CA ASP A 70 11.90 0.29 -18.83
C ASP A 70 10.62 -0.40 -19.26
N ASP A 71 10.71 -1.71 -19.42
CA ASP A 71 9.60 -2.58 -19.78
C ASP A 71 8.83 -2.99 -18.51
N VAL A 72 7.59 -2.53 -18.41
CA VAL A 72 6.77 -2.74 -17.22
C VAL A 72 6.43 -4.22 -16.94
N LYS A 73 6.46 -5.05 -17.99
CA LYS A 73 6.19 -6.49 -17.85
C LYS A 73 7.14 -7.18 -16.89
N LYS A 74 8.37 -6.66 -16.78
CA LYS A 74 9.40 -7.23 -15.91
C LYS A 74 9.18 -6.93 -14.42
N LEU A 75 8.32 -5.95 -14.13
CA LEU A 75 8.09 -5.51 -12.74
C LEU A 75 6.79 -6.07 -12.17
N LEU A 76 6.04 -6.75 -13.02
CA LEU A 76 4.72 -7.26 -12.68
C LEU A 76 4.71 -8.32 -11.61
N ARG A 77 3.71 -8.24 -10.76
CA ARG A 77 3.37 -9.34 -9.88
C ARG A 77 2.15 -10.01 -10.45
N PRO A 78 1.93 -11.30 -10.16
CA PRO A 78 0.74 -11.92 -10.70
C PRO A 78 -0.49 -11.29 -10.06
N ALA A 79 -1.55 -11.19 -10.85
CA ALA A 79 -2.82 -10.75 -10.31
C ALA A 79 -3.42 -11.91 -9.54
N THR A 80 -4.07 -11.61 -8.43
CA THR A 80 -4.91 -12.58 -7.76
C THR A 80 -6.28 -12.48 -8.39
N PHE A 81 -6.77 -13.59 -8.93
CA PHE A 81 -8.08 -13.61 -9.59
C PHE A 81 -9.14 -14.24 -8.72
N VAL A 82 -10.33 -13.66 -8.71
CA VAL A 82 -11.49 -14.23 -8.00
C VAL A 82 -12.72 -14.19 -8.90
N PRO A 83 -13.63 -15.19 -8.76
CA PRO A 83 -14.88 -15.13 -9.50
C PRO A 83 -15.81 -14.07 -8.92
N GLU A 84 -16.69 -13.55 -9.77
CA GLU A 84 -17.73 -12.58 -9.39
C GLU A 84 -18.58 -13.01 -8.19
N SER A 85 -18.77 -14.32 -8.07
CA SER A 85 -19.65 -14.91 -7.06
C SER A 85 -18.95 -15.21 -5.73
N LYS A 86 -17.64 -14.90 -5.63
CA LYS A 86 -16.91 -15.12 -4.39
C LYS A 86 -17.58 -14.37 -3.22
N ARG A 87 -17.80 -15.06 -2.11
CA ARG A 87 -18.42 -14.42 -0.94
C ARG A 87 -17.40 -13.54 -0.22
N LEU A 88 -17.86 -12.40 0.32
CA LEU A 88 -16.94 -11.44 0.94
C LEU A 88 -16.24 -11.97 2.17
N ASN A 89 -16.93 -12.77 2.99
CA ASN A 89 -16.31 -13.30 4.20
C ASN A 89 -15.15 -14.24 3.86
N VAL A 90 -15.30 -14.99 2.76
CA VAL A 90 -14.24 -15.86 2.28
C VAL A 90 -13.09 -15.04 1.72
N LEU A 91 -13.42 -14.05 0.90
CA LEU A 91 -12.37 -13.18 0.34
C LEU A 91 -11.55 -12.47 1.42
N LEU A 92 -12.21 -11.98 2.46
CA LEU A 92 -11.48 -11.31 3.53
C LEU A 92 -10.46 -12.24 4.19
N ARG A 93 -10.86 -13.48 4.42
CA ARG A 93 -9.93 -14.45 4.98
C ARG A 93 -8.78 -14.74 4.02
N GLU A 94 -9.07 -14.77 2.72
CA GLU A 94 -8.04 -14.98 1.70
C GLU A 94 -7.04 -13.82 1.65
N PHE A 95 -7.54 -12.58 1.76
CA PHE A 95 -6.65 -11.42 1.80
C PHE A 95 -5.69 -11.51 3.00
N ARG A 96 -6.21 -11.93 4.16
CA ARG A 96 -5.35 -12.07 5.34
C ARG A 96 -4.26 -13.14 5.12
N ALA A 97 -4.67 -14.29 4.58
CA ALA A 97 -3.77 -15.44 4.47
C ALA A 97 -2.65 -15.17 3.49
N ASN A 98 -2.98 -14.42 2.44
CA ASN A 98 -2.07 -14.19 1.33
C ASN A 98 -1.43 -12.80 1.33
N HIS A 99 -1.79 -12.01 2.34
CA HIS A 99 -1.22 -10.67 2.54
C HIS A 99 -1.29 -9.82 1.30
N ASN A 100 -2.41 -9.95 0.59
CA ASN A 100 -2.65 -9.08 -0.55
C ASN A 100 -3.81 -8.10 -0.30
N HIS A 101 -3.89 -7.11 -1.18
CA HIS A 101 -4.86 -6.03 -1.05
C HIS A 101 -5.84 -5.94 -2.20
N ALA A 103 -7.73 -7.90 -5.68
CA ALA A 103 -8.04 -9.03 -6.55
C ALA A 103 -8.70 -8.55 -7.80
N ILE A 104 -8.46 -9.26 -8.89
CA ILE A 104 -9.10 -8.97 -10.17
C ILE A 104 -10.29 -9.92 -10.32
N VAL A 105 -11.46 -9.36 -10.61
CA VAL A 105 -12.69 -10.13 -10.59
C VAL A 105 -12.94 -10.63 -12.01
N ILE A 106 -13.12 -11.94 -12.18
CA ILE A 106 -13.44 -12.44 -13.52
C ILE A 106 -14.88 -12.91 -13.59
N ASP A 107 -15.50 -12.71 -14.75
CA ASP A 107 -16.88 -13.16 -14.94
C ASP A 107 -16.93 -14.66 -15.29
N GLU A 108 -18.15 -15.19 -15.49
CA GLU A 108 -18.40 -16.61 -15.76
C GLU A 108 -17.79 -17.08 -17.09
N TYR A 109 -17.37 -16.12 -17.92
CA TYR A 109 -16.72 -16.38 -19.19
C TYR A 109 -15.20 -16.16 -19.13
N GLY A 110 -14.68 -15.78 -17.96
CA GLY A 110 -13.24 -15.49 -17.84
C GLY A 110 -12.84 -14.07 -18.22
N GLY A 111 -13.80 -13.29 -18.73
CA GLY A 111 -13.64 -11.83 -18.95
C GLY A 111 -13.36 -11.12 -17.62
N VAL A 112 -12.92 -9.87 -17.64
CA VAL A 112 -12.64 -9.10 -16.39
C VAL A 112 -13.83 -8.24 -16.02
N ALA A 113 -14.41 -8.49 -14.85
CA ALA A 113 -15.58 -7.76 -14.36
C ALA A 113 -15.19 -6.45 -13.68
N GLY A 114 -14.02 -6.44 -13.06
CA GLY A 114 -13.60 -5.30 -12.24
C GLY A 114 -12.48 -5.69 -11.32
N LEU A 115 -12.23 -4.87 -10.30
CA LEU A 115 -11.25 -5.18 -9.26
C LEU A 115 -11.88 -4.96 -7.89
N VAL A 116 -11.30 -5.57 -6.87
CA VAL A 116 -11.86 -5.42 -5.53
C VAL A 116 -10.69 -5.35 -4.56
N THR A 117 -10.84 -4.54 -3.52
CA THR A 117 -9.74 -4.36 -2.58
C THR A 117 -10.14 -4.68 -1.16
N ILE A 118 -9.13 -4.94 -0.35
CA ILE A 118 -9.37 -5.20 1.06
C ILE A 118 -10.06 -4.02 1.76
N GLU A 119 -9.70 -2.79 1.38
CA GLU A 119 -10.30 -1.62 2.02
C GLU A 119 -11.78 -1.58 1.69
N ASP A 120 -12.15 -1.98 0.46
CA ASP A 120 -13.55 -1.96 0.09
C ASP A 120 -14.38 -3.05 0.79
N VAL A 121 -13.77 -4.20 1.00
CA VAL A 121 -14.43 -5.32 1.68
C VAL A 121 -14.84 -4.92 3.10
N LEU A 122 -13.96 -4.19 3.77
CA LEU A 122 -14.22 -3.73 5.13
C LEU A 122 -15.40 -2.78 5.28
N GLU A 123 -15.78 -2.08 4.22
CA GLU A 123 -16.91 -1.15 4.29
C GLU A 123 -18.24 -1.87 4.09
N GLN A 124 -18.18 -3.15 3.73
CA GLN A 124 -19.39 -3.89 3.37
C GLN A 124 -19.69 -5.08 4.26
N ILE A 125 -18.65 -5.63 4.89
CA ILE A 125 -18.83 -6.65 5.91
C ILE A 125 -18.06 -6.33 7.20
N ALA B 1 -10.74 -9.89 23.55
CA ALA B 1 -9.73 -10.20 24.61
C ALA B 1 -9.12 -8.93 25.20
N ASP B 2 -9.84 -7.81 25.02
CA ASP B 2 -9.33 -6.47 25.30
C ASP B 2 -7.95 -6.26 24.66
N LEU B 3 -7.81 -6.64 23.39
CA LEU B 3 -6.57 -6.45 22.65
CA LEU B 3 -6.56 -6.43 22.66
C LEU B 3 -6.29 -4.94 22.43
N GLN B 4 -5.03 -4.56 22.59
CA GLN B 4 -4.62 -3.17 22.45
C GLN B 4 -3.55 -3.02 21.41
N VAL B 5 -3.29 -1.78 21.01
CA VAL B 5 -2.26 -1.49 19.99
C VAL B 5 -0.90 -2.15 20.30
N ARG B 6 -0.44 -2.04 21.54
CA ARG B 6 0.85 -2.64 21.89
C ARG B 6 0.92 -4.14 21.59
N ASP B 7 -0.24 -4.80 21.56
CA ASP B 7 -0.27 -6.27 21.33
C ASP B 7 0.03 -6.67 19.89
N ILE B 8 -0.03 -5.72 18.96
CA ILE B 8 0.11 -6.02 17.52
C ILE B 8 1.09 -5.10 16.80
N VAL B 10 4.43 -3.02 15.48
CA VAL B 10 5.84 -3.19 15.13
C VAL B 10 6.61 -2.31 16.10
N PRO B 11 7.44 -2.89 16.99
CA PRO B 11 8.12 -2.06 17.97
C PRO B 11 9.14 -1.10 17.34
N ARG B 12 9.39 0.02 18.03
CA ARG B 12 10.28 1.11 17.56
C ARG B 12 11.61 0.61 16.98
N SER B 13 12.25 -0.32 17.69
CA SER B 13 13.52 -0.90 17.24
C SER B 13 13.45 -1.70 15.93
N GLN B 14 12.24 -2.04 15.48
CA GLN B 14 12.04 -2.81 14.25
C GLN B 14 11.43 -1.95 13.15
N ILE B 16 11.31 0.58 10.12
CA ILE B 16 12.18 1.15 9.09
C ILE B 16 11.77 2.60 8.90
N SER B 17 12.69 3.50 9.22
CA SER B 17 12.42 4.93 9.12
CA SER B 17 12.44 4.94 9.12
C SER B 17 13.45 5.60 8.20
N ILE B 18 13.16 6.83 7.83
CA ILE B 18 14.06 7.65 7.02
C ILE B 18 14.41 8.87 7.85
N LYS B 19 15.67 9.29 7.79
CA LYS B 19 16.10 10.51 8.47
C LYS B 19 15.79 11.70 7.56
N ALA B 20 15.31 12.78 8.14
CA ALA B 20 14.82 13.90 7.35
C ALA B 20 15.94 14.65 6.63
N THR B 21 17.18 14.39 7.04
CA THR B 21 18.34 15.01 6.43
C THR B 21 18.87 14.20 5.24
N GLN B 22 18.37 12.98 5.06
CA GLN B 22 18.80 12.12 3.96
C GLN B 22 18.17 12.51 2.63
N THR B 23 18.97 12.47 1.58
CA THR B 23 18.46 12.62 0.23
C THR B 23 17.93 11.26 -0.25
N PRO B 24 17.05 11.27 -1.26
CA PRO B 24 16.63 10.00 -1.87
C PRO B 24 17.79 9.13 -2.30
N ARG B 25 18.85 9.73 -2.85
CA ARG B 25 20.02 8.94 -3.19
C ARG B 25 20.56 8.18 -1.97
N GLU B 26 20.48 8.81 -0.80
CA GLU B 26 20.98 8.22 0.45
C GLU B 26 20.03 7.19 1.06
N PHE B 27 18.72 7.48 1.03
CA PHE B 27 17.77 6.57 1.68
C PHE B 27 17.14 5.52 0.81
N LEU B 28 17.18 5.71 -0.50
CA LEU B 28 16.50 4.77 -1.38
C LEU B 28 16.94 3.31 -1.24
N PRO B 29 18.26 3.05 -1.09
CA PRO B 29 18.63 1.65 -0.94
C PRO B 29 17.91 0.93 0.21
N ALA B 30 17.83 1.55 1.38
CA ALA B 30 17.15 0.95 2.54
C ALA B 30 15.66 0.79 2.30
N VAL B 31 15.08 1.80 1.67
CA VAL B 31 13.65 1.86 1.35
C VAL B 31 13.27 0.77 0.35
N ILE B 32 14.05 0.63 -0.70
CA ILE B 32 13.82 -0.42 -1.69
C ILE B 32 13.91 -1.82 -1.06
N ASP B 33 14.93 -2.05 -0.23
CA ASP B 33 15.12 -3.34 0.40
C ASP B 33 13.96 -3.71 1.33
N ALA B 34 13.53 -2.75 2.14
CA ALA B 34 12.45 -2.96 3.11
C ALA B 34 11.12 -3.17 2.42
N ALA B 35 10.92 -2.44 1.32
CA ALA B 35 9.77 -2.65 0.45
C ALA B 35 8.42 -2.37 1.10
N HIS B 36 8.40 -1.38 1.98
CA HIS B 36 7.12 -0.93 2.59
C HIS B 36 6.45 0.19 1.78
N SER B 37 5.17 0.39 2.05
CA SER B 37 4.44 1.46 1.38
C SER B 37 4.67 2.79 2.06
N ARG B 38 4.95 2.77 3.36
CA ARG B 38 4.99 4.00 4.17
C ARG B 38 6.12 3.95 5.19
N TYR B 39 6.80 5.08 5.39
CA TYR B 39 7.95 5.15 6.31
C TYR B 39 7.84 6.34 7.24
N PRO B 40 7.98 6.12 8.56
CA PRO B 40 8.12 7.29 9.44
C PRO B 40 9.39 8.06 9.06
N VAL B 41 9.31 9.37 9.08
CA VAL B 41 10.47 10.22 8.85
C VAL B 41 10.81 10.87 10.17
N ILE B 42 12.07 10.76 10.54
CA ILE B 42 12.51 11.20 11.87
C ILE B 42 13.51 12.36 11.80
N GLY B 43 13.48 13.19 12.83
CA GLY B 43 14.37 14.35 12.93
C GLY B 43 15.58 13.98 13.77
N GLU B 44 15.56 14.41 15.03
CA GLU B 44 16.72 14.33 15.91
C GLU B 44 16.97 12.95 16.49
N SER B 45 15.92 12.13 16.55
CA SER B 45 15.97 10.80 17.11
C SER B 45 14.75 10.03 16.59
N HIS B 46 14.69 8.73 16.91
CA HIS B 46 13.52 7.92 16.58
C HIS B 46 12.25 8.35 17.30
N ASP B 47 12.40 9.11 18.37
CA ASP B 47 11.25 9.69 19.07
C ASP B 47 10.68 10.93 18.36
N ASP B 48 11.47 11.54 17.51
CA ASP B 48 11.11 12.81 16.88
C ASP B 48 10.54 12.52 15.48
N VAL B 49 9.34 11.95 15.42
CA VAL B 49 8.71 11.68 14.13
C VAL B 49 8.12 12.99 13.56
N LEU B 50 8.57 13.36 12.37
CA LEU B 50 8.13 14.60 11.72
C LEU B 50 6.87 14.38 10.90
N GLY B 51 6.68 13.15 10.43
CA GLY B 51 5.60 12.81 9.52
C GLY B 51 5.92 11.48 8.87
N VAL B 52 5.21 11.19 7.78
CA VAL B 52 5.33 9.91 7.08
CA VAL B 52 5.39 9.92 7.09
C VAL B 52 5.62 10.16 5.61
N LEU B 53 6.48 9.33 5.03
CA LEU B 53 6.76 9.38 3.59
C LEU B 53 6.06 8.19 2.94
N LEU B 54 5.25 8.47 1.92
CA LEU B 54 4.64 7.43 1.10
C LEU B 54 5.56 7.10 -0.04
N ALA B 55 5.90 5.83 -0.20
CA ALA B 55 6.75 5.39 -1.32
C ALA B 55 6.22 5.94 -2.65
N LYS B 56 4.90 5.93 -2.83
CA LYS B 56 4.32 6.32 -4.12
C LYS B 56 4.57 7.80 -4.44
N ASP B 57 4.89 8.61 -3.42
CA ASP B 57 5.15 10.02 -3.67
C ASP B 57 6.54 10.29 -4.23
N LEU B 58 7.37 9.25 -4.30
CA LEU B 58 8.71 9.36 -4.90
C LEU B 58 8.72 9.14 -6.40
N LEU B 59 7.56 8.72 -6.95
CA LEU B 59 7.51 8.37 -8.38
C LEU B 59 7.96 9.50 -9.33
N PRO B 60 7.67 10.78 -9.02
CA PRO B 60 8.10 11.81 -9.97
C PRO B 60 9.62 11.87 -10.20
N LEU B 61 10.42 11.34 -9.27
CA LEU B 61 11.87 11.34 -9.40
C LEU B 61 12.38 10.44 -10.53
N ILE B 62 11.52 9.54 -11.02
CA ILE B 62 11.85 8.72 -12.16
C ILE B 62 12.05 9.60 -13.40
N LEU B 63 11.26 10.67 -13.49
CA LEU B 63 11.29 11.52 -14.69
C LEU B 63 12.03 12.83 -14.50
N LYS B 64 12.15 13.27 -13.25
CA LYS B 64 12.71 14.59 -12.98
C LYS B 64 14.24 14.57 -12.89
N ALA B 65 14.84 15.76 -13.00
CA ALA B 65 16.30 15.91 -12.93
C ALA B 65 16.84 15.58 -11.53
N GLY B 67 17.23 16.05 -8.10
CA GLY B 67 16.01 15.70 -7.38
C GLY B 67 16.26 14.63 -6.34
N ASP B 68 17.11 13.67 -6.70
CA ASP B 68 17.50 12.63 -5.77
C ASP B 68 18.53 13.10 -4.75
N SER B 69 18.92 14.37 -4.81
CA SER B 69 19.83 14.97 -3.83
C SER B 69 19.25 16.23 -3.19
N ASP B 71 16.32 16.59 -0.35
CA ASP B 71 15.56 16.95 0.86
C ASP B 71 14.12 16.41 0.83
N VAL B 72 13.82 15.52 1.78
CA VAL B 72 12.58 14.74 1.82
C VAL B 72 11.36 15.50 2.34
N LYS B 73 11.61 16.57 3.09
CA LYS B 73 10.59 17.23 3.90
C LYS B 73 9.36 17.71 3.10
N LYS B 74 9.55 18.11 1.85
CA LYS B 74 8.43 18.55 0.99
C LYS B 74 7.37 17.47 0.69
N LEU B 75 7.77 16.21 0.80
CA LEU B 75 6.89 15.06 0.51
C LEU B 75 6.13 14.58 1.74
N LEU B 76 6.53 15.10 2.90
CA LEU B 76 5.99 14.66 4.19
C LEU B 76 4.48 14.78 4.30
N ARG B 77 3.85 13.69 4.73
CA ARG B 77 2.45 13.70 5.11
C ARG B 77 2.40 13.70 6.64
N PRO B 78 1.36 14.30 7.23
CA PRO B 78 1.24 14.26 8.68
C PRO B 78 1.05 12.82 9.17
N ALA B 79 1.68 12.49 10.27
CA ALA B 79 1.46 11.20 10.92
C ALA B 79 0.19 11.22 11.74
N THR B 80 -0.37 10.03 11.94
CA THR B 80 -1.46 9.83 12.86
C THR B 80 -0.85 9.16 14.07
N PHE B 81 -1.10 9.70 15.25
CA PHE B 81 -0.52 9.13 16.48
C PHE B 81 -1.59 8.47 17.33
N VAL B 82 -1.26 7.32 17.92
CA VAL B 82 -2.20 6.66 18.85
C VAL B 82 -1.44 6.16 20.07
N PRO B 83 -2.09 6.10 21.24
CA PRO B 83 -1.39 5.52 22.38
C PRO B 83 -1.29 4.00 22.32
N GLU B 84 -0.26 3.46 22.98
CA GLU B 84 -0.07 2.01 23.14
C GLU B 84 -1.30 1.29 23.67
N SER B 85 -2.04 1.99 24.52
CA SER B 85 -3.14 1.40 25.23
C SER B 85 -4.47 1.43 24.47
N LYS B 86 -4.53 2.07 23.30
CA LYS B 86 -5.78 2.12 22.54
C LYS B 86 -6.22 0.71 22.19
N ARG B 87 -7.50 0.43 22.40
CA ARG B 87 -8.06 -0.88 22.05
C ARG B 87 -8.17 -1.05 20.53
N LEU B 88 -7.99 -2.28 20.05
CA LEU B 88 -8.03 -2.53 18.60
C LEU B 88 -9.36 -2.21 17.93
N ASN B 89 -10.47 -2.42 18.62
CA ASN B 89 -11.78 -2.10 18.04
C ASN B 89 -11.90 -0.61 17.74
N VAL B 90 -11.34 0.21 18.63
CA VAL B 90 -11.36 1.66 18.45
C VAL B 90 -10.40 2.03 17.31
N LEU B 91 -9.21 1.44 17.32
CA LEU B 91 -8.25 1.73 16.27
C LEU B 91 -8.84 1.43 14.87
N LEU B 92 -9.53 0.29 14.74
CA LEU B 92 -10.08 -0.10 13.46
C LEU B 92 -11.12 0.93 13.00
N ARG B 93 -11.93 1.43 13.93
CA ARG B 93 -12.95 2.46 13.58
C ARG B 93 -12.28 3.73 13.08
N GLU B 94 -11.17 4.12 13.70
CA GLU B 94 -10.45 5.31 13.26
C GLU B 94 -9.80 5.12 11.89
N PHE B 95 -9.20 3.96 11.64
CA PHE B 95 -8.64 3.68 10.31
C PHE B 95 -9.75 3.80 9.25
N ARG B 96 -10.94 3.31 9.58
CA ARG B 96 -12.03 3.30 8.63
C ARG B 96 -12.60 4.70 8.44
N ALA B 97 -12.64 5.49 9.52
CA ALA B 97 -13.16 6.86 9.45
C ALA B 97 -12.23 7.77 8.66
N ASN B 98 -10.93 7.58 8.84
CA ASN B 98 -9.95 8.50 8.26
C ASN B 98 -9.26 7.98 7.00
N HIS B 99 -9.52 6.72 6.67
CA HIS B 99 -8.96 6.02 5.50
C HIS B 99 -7.42 6.01 5.49
N ASN B 100 -6.85 5.97 6.67
CA ASN B 100 -5.42 5.81 6.80
C ASN B 100 -5.04 4.34 7.01
N HIS B 101 -3.78 4.05 6.79
CA HIS B 101 -3.28 2.70 6.91
C HIS B 101 -2.33 2.54 8.05
N ALA B 103 -0.50 4.13 11.79
CA ALA B 103 -0.39 5.07 12.89
C ALA B 103 0.92 4.85 13.59
N ILE B 104 1.44 5.93 14.17
CA ILE B 104 2.65 5.88 14.99
C ILE B 104 2.19 5.74 16.43
N VAL B 105 2.78 4.79 17.15
CA VAL B 105 2.31 4.48 18.48
C VAL B 105 3.17 5.22 19.49
N ILE B 106 2.51 5.92 20.41
CA ILE B 106 3.19 6.77 21.39
C ILE B 106 3.07 6.17 22.79
N ASP B 107 4.19 6.13 23.52
CA ASP B 107 4.18 5.61 24.91
C ASP B 107 3.64 6.68 25.89
N GLU B 108 3.56 6.33 27.18
CA GLU B 108 2.99 7.24 28.18
C GLU B 108 3.81 8.50 28.42
N TYR B 109 5.05 8.51 27.94
CA TYR B 109 5.98 9.61 28.12
C TYR B 109 6.09 10.50 26.89
N GLY B 110 5.34 10.19 25.84
CA GLY B 110 5.39 10.94 24.61
C GLY B 110 6.41 10.43 23.62
N GLY B 111 7.15 9.38 23.99
CA GLY B 111 8.11 8.75 23.06
C GLY B 111 7.41 7.85 22.06
N VAL B 112 8.15 7.44 21.04
CA VAL B 112 7.65 6.50 20.06
C VAL B 112 7.84 5.05 20.50
N ALA B 113 6.73 4.34 20.64
CA ALA B 113 6.74 2.91 21.02
C ALA B 113 6.88 2.00 19.81
N GLY B 114 6.34 2.44 18.67
CA GLY B 114 6.37 1.62 17.47
C GLY B 114 5.44 2.17 16.42
N LEU B 115 5.06 1.33 15.46
CA LEU B 115 4.02 1.73 14.50
C LEU B 115 3.02 0.59 14.36
N VAL B 116 1.83 0.92 13.84
CA VAL B 116 0.80 -0.11 13.69
C VAL B 116 0.02 0.15 12.41
N THR B 117 -0.41 -0.91 11.75
CA THR B 117 -1.08 -0.75 10.45
C THR B 117 -2.43 -1.46 10.44
N ILE B 118 -3.30 -1.05 9.50
N ILE B 118 -3.30 -1.07 9.51
CA ILE B 118 -4.59 -1.72 9.32
CA ILE B 118 -4.59 -1.75 9.39
C ILE B 118 -4.39 -3.22 9.04
C ILE B 118 -4.41 -3.23 9.02
N GLU B 119 -3.36 -3.56 8.27
CA GLU B 119 -3.06 -4.96 7.92
C GLU B 119 -2.72 -5.75 9.19
N ASP B 120 -2.01 -5.12 10.14
CA ASP B 120 -1.68 -5.78 11.41
C ASP B 120 -2.97 -6.06 12.21
N VAL B 121 -3.94 -5.16 12.14
CA VAL B 121 -5.20 -5.36 12.86
C VAL B 121 -5.94 -6.55 12.25
N LEU B 122 -6.01 -6.57 10.92
CA LEU B 122 -6.74 -7.64 10.24
C LEU B 122 -6.05 -8.98 10.45
N GLU B 123 -4.72 -8.97 10.48
CA GLU B 123 -3.97 -10.18 10.78
C GLU B 123 -4.42 -10.78 12.12
N GLN B 124 -4.70 -9.92 13.08
CA GLN B 124 -5.07 -10.38 14.42
C GLN B 124 -6.51 -10.88 14.47
N ILE B 125 -7.41 -10.19 13.78
CA ILE B 125 -8.84 -10.39 14.02
C ILE B 125 -9.60 -11.23 12.99
N VAL B 126 -9.07 -11.34 11.78
CA VAL B 126 -9.77 -12.07 10.73
C VAL B 126 -9.46 -13.56 10.85
N GLY B 127 -10.47 -14.39 10.58
CA GLY B 127 -10.32 -15.84 10.70
C GLY B 127 -9.35 -16.48 9.73
N ASP B 128 -8.84 -17.66 10.09
CA ASP B 128 -8.10 -18.50 9.13
C ASP B 128 -9.02 -18.97 8.00
N ILE B 129 -8.44 -19.33 6.86
CA ILE B 129 -9.23 -19.94 5.78
CA ILE B 129 -9.18 -19.98 5.76
C ILE B 129 -9.83 -21.27 6.26
N GLU B 130 -11.15 -21.39 6.09
CA GLU B 130 -11.89 -22.61 6.49
C GLU B 130 -12.21 -23.53 5.32
#